data_4WPV
#
_entry.id   4WPV
#
_cell.length_a   102.762
_cell.length_b   122.281
_cell.length_c   63.984
_cell.angle_alpha   90.000
_cell.angle_beta   116.880
_cell.angle_gamma   90.000
#
_symmetry.space_group_name_H-M   'C 1 2 1'
#
loop_
_entity.id
_entity.type
_entity.pdbx_description
1 polymer 'Phosphoenolpyruvate carboxykinase [GTP]'
2 non-polymer GLYCEROL
3 non-polymer 'ZINC ION'
4 non-polymer 'PHOSPHATE ION'
5 water water
#
_entity_poly.entity_id   1
_entity_poly.type   'polypeptide(L)'
_entity_poly.pdbx_seq_one_letter_code
;HHHHHHSSGLVPAGSHMTSATIPGLDTAPTNHQGLLSWVEEVAELTQPDRVVFTDGSEEEFQRLCDQLVEAGTFIRLNPE
KHKNSYLALSDPSDVARVASRTYICSAKEIDAGPTNNWMDPGEMRSIMKDLYRGCMRGRTMYVVPFCMGPLGAEDPKLGV
EITDSEYVVVSMRTMTRMGKAALEKMGDDGFFVKALHSVGAPLEPGQKDVAWPCSETKYITHFPETREIWSYGSGYGGNA
LLGKKCYSLRIASAMAHDEGWLAEHMLILKLISPENKAYYFAAAFPSACGKTNLAMLQPTIPGWRAETLGDDIAWMRFGK
DGRLYAVNPEFGFFGVAPGTNWKSNPNAMRTIAAGNTVFTNVALTDDGDVWWEGLEGDPQHLIDWKGNDWYFRETETNAA
HPNSRYCTPMSQCPILAPEWDDPQGVPISGILFGGRRKTTVPLVTEARDWQHGVFIGATLGSEQTAAAEGKVGNVRRDPM
AMLPFLGYNVGDYFQHWINLGKHADESKLPKVFFVNWFRRGDDGRFLWPGFGENSRVLKWIVDRIEHKAGGATTPIGTVP
AVEDLDLDGLDVDAADVAAALAVDADEWRQELPLIEEWLQFVGEKLPTGVKDEFDALKERLG
;
_entity_poly.pdbx_strand_id   A
#
loop_
_chem_comp.id
_chem_comp.type
_chem_comp.name
_chem_comp.formula
GOL non-polymer GLYCEROL 'C3 H8 O3'
PO4 non-polymer 'PHOSPHATE ION' 'O4 P -3'
ZN non-polymer 'ZINC ION' 'Zn 2'
#
# COMPACT_ATOMS: atom_id res chain seq x y z
N PRO A 29 21.37 8.68 -23.82
CA PRO A 29 21.32 7.51 -24.69
C PRO A 29 22.44 6.55 -24.27
N THR A 30 22.24 5.91 -23.12
CA THR A 30 23.31 5.31 -22.32
C THR A 30 23.49 3.78 -22.47
N ASN A 31 23.08 3.04 -21.42
CA ASN A 31 22.76 1.60 -21.52
C ASN A 31 24.00 0.68 -21.57
N HIS A 32 23.92 -0.66 -21.41
CA HIS A 32 22.76 -1.60 -21.33
C HIS A 32 21.95 -1.81 -22.61
N GLN A 33 22.46 -2.65 -23.52
CA GLN A 33 21.86 -2.84 -24.83
C GLN A 33 20.41 -3.32 -24.80
N GLY A 34 20.07 -4.18 -23.84
CA GLY A 34 18.71 -4.68 -23.70
C GLY A 34 17.73 -3.53 -23.43
N LEU A 35 18.13 -2.65 -22.52
CA LEU A 35 17.33 -1.47 -22.21
C LEU A 35 17.21 -0.57 -23.43
N LEU A 36 18.33 -0.30 -24.07
CA LEU A 36 18.34 0.58 -25.25
C LEU A 36 17.48 0.01 -26.38
N SER A 37 17.58 -1.30 -26.61
CA SER A 37 16.76 -1.94 -27.64
C SER A 37 15.28 -1.80 -27.33
N TRP A 38 14.93 -1.98 -26.06
CA TRP A 38 13.53 -1.86 -25.64
C TRP A 38 13.02 -0.43 -25.84
N VAL A 39 13.80 0.55 -25.39
CA VAL A 39 13.42 1.95 -25.55
C VAL A 39 13.24 2.32 -27.02
N GLU A 40 14.11 1.81 -27.89
CA GLU A 40 14.00 2.11 -29.32
C GLU A 40 12.74 1.49 -29.93
N GLU A 41 12.45 0.25 -29.52
CA GLU A 41 11.27 -0.45 -29.99
C GLU A 41 10.01 0.30 -29.56
N VAL A 42 9.96 0.68 -28.28
CA VAL A 42 8.82 1.44 -27.78
C VAL A 42 8.66 2.79 -28.49
N ALA A 43 9.74 3.56 -28.61
CA ALA A 43 9.68 4.86 -29.27
C ALA A 43 9.24 4.74 -30.74
N GLU A 44 9.71 3.70 -31.43
CA GLU A 44 9.29 3.45 -32.81
C GLU A 44 7.77 3.31 -32.88
N LEU A 45 7.19 2.65 -31.88
CA LEU A 45 5.75 2.43 -31.82
C LEU A 45 4.98 3.67 -31.42
N THR A 46 5.38 4.31 -30.31
CA THR A 46 4.59 5.41 -29.77
C THR A 46 4.84 6.78 -30.41
N GLN A 47 5.97 6.91 -31.11
CA GLN A 47 6.33 8.14 -31.83
C GLN A 47 6.33 9.44 -31.02
N PRO A 48 7.11 9.49 -29.93
CA PRO A 48 7.25 10.73 -29.18
C PRO A 48 8.09 11.75 -29.96
N ASP A 49 8.04 13.02 -29.54
CA ASP A 49 8.86 14.08 -30.14
C ASP A 49 10.34 13.94 -29.77
N ARG A 50 10.61 13.32 -28.62
CA ARG A 50 11.97 13.15 -28.14
C ARG A 50 11.97 12.17 -26.98
N VAL A 51 13.15 11.65 -26.65
CA VAL A 51 13.31 10.69 -25.55
C VAL A 51 14.28 11.25 -24.51
N VAL A 52 13.92 11.13 -23.23
CA VAL A 52 14.74 11.64 -22.14
C VAL A 52 14.93 10.53 -21.11
N PHE A 53 16.19 10.19 -20.83
CA PHE A 53 16.49 9.25 -19.75
C PHE A 53 16.69 10.07 -18.48
N THR A 54 15.94 9.75 -17.42
CA THR A 54 15.95 10.56 -16.22
C THR A 54 17.04 10.12 -15.23
N ASP A 55 17.62 11.09 -14.52
CA ASP A 55 18.73 10.80 -13.60
C ASP A 55 18.41 10.95 -12.12
N GLY A 56 17.23 11.47 -11.80
CA GLY A 56 16.81 11.55 -10.41
C GLY A 56 17.40 12.70 -9.63
N SER A 57 18.17 13.54 -10.31
CA SER A 57 18.89 14.63 -9.63
C SER A 57 17.95 15.76 -9.21
N GLU A 58 18.41 16.61 -8.28
CA GLU A 58 17.61 17.74 -7.84
C GLU A 58 17.44 18.76 -8.96
N GLU A 59 18.50 18.94 -9.75
CA GLU A 59 18.45 19.79 -10.93
C GLU A 59 17.32 19.38 -11.87
N GLU A 60 17.23 18.08 -12.13
CA GLU A 60 16.19 17.55 -13.01
C GLU A 60 14.81 17.75 -12.40
N PHE A 61 14.70 17.49 -11.10
CA PHE A 61 13.43 17.59 -10.40
C PHE A 61 12.87 19.00 -10.53
N GLN A 62 13.70 20.02 -10.33
CA GLN A 62 13.21 21.39 -10.43
C GLN A 62 12.89 21.77 -11.88
N ARG A 63 13.66 21.27 -12.84
CA ARG A 63 13.36 21.53 -14.23
C ARG A 63 11.98 20.98 -14.61
N LEU A 64 11.71 19.74 -14.21
CA LEU A 64 10.44 19.10 -14.53
C LEU A 64 9.29 19.82 -13.84
N CYS A 65 9.52 20.24 -12.58
CA CYS A 65 8.51 21.01 -11.87
C CYS A 65 8.20 22.34 -12.56
N ASP A 66 9.23 23.04 -13.04
CA ASP A 66 8.99 24.30 -13.78
C ASP A 66 8.10 24.06 -14.97
N GLN A 67 8.37 22.99 -15.70
CA GLN A 67 7.57 22.66 -16.88
C GLN A 67 6.14 22.29 -16.50
N LEU A 68 5.97 21.62 -15.36
CA LEU A 68 4.62 21.30 -14.89
C LEU A 68 3.84 22.56 -14.47
N VAL A 69 4.53 23.49 -13.82
CA VAL A 69 3.89 24.77 -13.49
C VAL A 69 3.49 25.51 -14.78
N GLU A 70 4.37 25.49 -15.77
CA GLU A 70 4.09 26.15 -17.04
C GLU A 70 2.89 25.55 -17.75
N ALA A 71 2.73 24.22 -17.64
CA ALA A 71 1.65 23.50 -18.29
C ALA A 71 0.33 23.64 -17.54
N GLY A 72 0.40 24.16 -16.32
CA GLY A 72 -0.78 24.29 -15.48
C GLY A 72 -1.07 23.04 -14.68
N THR A 73 -0.27 22.00 -14.89
CA THR A 73 -0.44 20.73 -14.18
C THR A 73 -0.20 20.94 -12.70
N PHE A 74 0.80 21.76 -12.39
CA PHE A 74 1.13 22.12 -11.01
C PHE A 74 0.90 23.60 -10.79
N ILE A 75 0.52 23.97 -9.57
CA ILE A 75 0.84 25.31 -9.06
C ILE A 75 1.77 25.15 -7.89
N ARG A 76 2.68 26.13 -7.72
CA ARG A 76 3.63 26.10 -6.61
C ARG A 76 2.94 26.59 -5.34
N LEU A 77 2.99 25.77 -4.30
CA LEU A 77 2.42 26.15 -3.01
C LEU A 77 3.34 27.11 -2.27
N ASN A 78 2.77 27.84 -1.32
CA ASN A 78 3.53 28.80 -0.52
C ASN A 78 4.73 28.12 0.15
N PRO A 79 5.95 28.52 -0.24
CA PRO A 79 7.14 27.81 0.25
C PRO A 79 7.43 28.05 1.74
N GLU A 80 6.84 29.09 2.31
CA GLU A 80 6.98 29.33 3.74
C GLU A 80 6.28 28.23 4.54
N LYS A 81 5.26 27.61 3.94
CA LYS A 81 4.49 26.56 4.64
C LYS A 81 4.79 25.14 4.17
N HIS A 82 5.13 25.00 2.89
CA HIS A 82 5.62 23.73 2.36
C HIS A 82 6.71 24.03 1.34
N LYS A 83 7.97 23.88 1.73
CA LYS A 83 9.06 24.17 0.79
C LYS A 83 8.98 23.20 -0.38
N ASN A 84 9.28 23.70 -1.58
CA ASN A 84 9.41 22.84 -2.76
C ASN A 84 8.20 21.92 -2.94
N SER A 85 7.01 22.50 -2.90
CA SER A 85 5.78 21.72 -2.93
C SER A 85 4.77 22.24 -3.93
N TYR A 86 3.91 21.33 -4.40
CA TYR A 86 3.07 21.60 -5.56
C TYR A 86 1.70 20.99 -5.41
N LEU A 87 0.72 21.60 -6.07
CA LEU A 87 -0.65 21.08 -6.12
C LEU A 87 -1.03 20.80 -7.57
N ALA A 88 -1.50 19.58 -7.82
CA ALA A 88 -2.01 19.18 -9.14
C ALA A 88 -3.49 18.89 -9.02
N LEU A 89 -4.28 19.36 -9.97
CA LEU A 89 -5.69 19.00 -10.02
C LEU A 89 -5.95 18.14 -11.25
N SER A 90 -6.60 17.00 -11.06
CA SER A 90 -6.78 16.05 -12.14
C SER A 90 -8.09 16.24 -12.88
N ASP A 91 -8.15 15.67 -14.08
CA ASP A 91 -9.41 15.52 -14.81
C ASP A 91 -10.38 14.74 -13.90
N PRO A 92 -11.63 15.22 -13.77
CA PRO A 92 -12.55 14.51 -12.86
C PRO A 92 -12.84 13.05 -13.26
N SER A 93 -12.50 12.67 -14.49
CA SER A 93 -12.69 11.28 -14.93
C SER A 93 -11.54 10.38 -14.48
N ASP A 94 -10.51 10.96 -13.89
CA ASP A 94 -9.28 10.23 -13.58
C ASP A 94 -8.86 10.58 -12.16
N VAL A 95 -9.53 9.98 -11.18
CA VAL A 95 -9.33 10.36 -9.78
C VAL A 95 -8.97 9.19 -8.87
N ALA A 96 -8.84 8.00 -9.45
CA ALA A 96 -8.55 6.80 -8.65
C ALA A 96 -8.06 5.62 -9.47
N ARG A 97 -7.38 4.71 -8.79
CA ARG A 97 -7.08 3.39 -9.33
C ARG A 97 -8.39 2.77 -9.81
N VAL A 98 -8.37 2.15 -10.98
CA VAL A 98 -9.59 1.54 -11.52
C VAL A 98 -9.48 0.01 -11.61
N ALA A 99 -10.10 -0.67 -10.65
CA ALA A 99 -9.97 -2.12 -10.54
C ALA A 99 -10.53 -2.84 -11.76
N SER A 100 -11.68 -2.38 -12.26
CA SER A 100 -12.34 -3.06 -13.39
C SER A 100 -11.53 -3.02 -14.69
N ARG A 101 -10.54 -2.13 -14.75
CA ARG A 101 -9.69 -2.01 -15.93
C ARG A 101 -8.29 -2.58 -15.68
N THR A 102 -8.14 -3.28 -14.55
CA THR A 102 -6.85 -3.84 -14.16
C THR A 102 -6.84 -5.34 -14.46
N TYR A 103 -5.79 -5.83 -15.11
CA TYR A 103 -5.78 -7.20 -15.62
C TYR A 103 -4.52 -7.97 -15.27
N ILE A 104 -4.69 -9.27 -14.99
CA ILE A 104 -3.59 -10.21 -14.87
C ILE A 104 -3.64 -11.12 -16.10
N CYS A 105 -2.67 -10.99 -17.00
CA CYS A 105 -2.72 -11.72 -18.27
C CYS A 105 -1.72 -12.87 -18.30
N SER A 106 -1.93 -13.81 -17.39
CA SER A 106 -1.18 -15.06 -17.38
C SER A 106 -1.58 -15.91 -18.59
N ALA A 107 -0.74 -16.85 -18.97
CA ALA A 107 -1.02 -17.69 -20.14
C ALA A 107 -2.34 -18.42 -19.98
N LYS A 108 -2.62 -18.89 -18.77
CA LYS A 108 -3.88 -19.58 -18.47
C LYS A 108 -4.71 -18.82 -17.46
N GLU A 109 -6.02 -18.84 -17.66
CA GLU A 109 -6.94 -18.11 -16.78
C GLU A 109 -6.84 -18.55 -15.32
N ILE A 110 -6.63 -19.83 -15.06
CA ILE A 110 -6.56 -20.32 -13.67
C ILE A 110 -5.44 -19.64 -12.88
N ASP A 111 -4.38 -19.24 -13.56
CA ASP A 111 -3.23 -18.63 -12.90
C ASP A 111 -3.47 -17.14 -12.61
N ALA A 112 -4.60 -16.62 -13.07
CA ALA A 112 -5.06 -15.32 -12.61
C ALA A 112 -6.01 -15.59 -11.44
N GLY A 113 -7.03 -16.40 -11.69
CA GLY A 113 -7.89 -16.87 -10.61
C GLY A 113 -9.02 -15.92 -10.26
N PRO A 114 -9.83 -16.31 -9.27
CA PRO A 114 -11.09 -15.61 -8.98
C PRO A 114 -11.00 -14.19 -8.43
N THR A 115 -9.84 -13.80 -7.88
CA THR A 115 -9.70 -12.43 -7.38
C THR A 115 -9.13 -11.48 -8.44
N ASN A 116 -8.93 -12.01 -9.66
CA ASN A 116 -8.30 -11.23 -10.72
C ASN A 116 -9.15 -11.13 -11.98
N ASN A 117 -8.95 -10.05 -12.74
CA ASN A 117 -9.52 -9.97 -14.08
C ASN A 117 -8.53 -10.53 -15.09
N TRP A 118 -8.96 -11.51 -15.88
CA TRP A 118 -8.07 -12.15 -16.84
C TRP A 118 -8.45 -11.82 -18.29
N MET A 119 -7.44 -11.78 -19.15
CA MET A 119 -7.67 -11.82 -20.59
C MET A 119 -6.52 -12.60 -21.21
N ASP A 120 -6.79 -13.35 -22.27
CA ASP A 120 -5.74 -14.02 -23.01
C ASP A 120 -4.67 -12.99 -23.36
N PRO A 121 -3.40 -13.31 -23.09
CA PRO A 121 -2.38 -12.28 -23.27
C PRO A 121 -2.19 -11.88 -24.73
N GLY A 122 -2.35 -12.79 -25.67
CA GLY A 122 -2.27 -12.43 -27.07
C GLY A 122 -3.34 -11.43 -27.46
N GLU A 123 -4.56 -11.67 -26.99
CA GLU A 123 -5.68 -10.75 -27.22
C GLU A 123 -5.38 -9.38 -26.61
N MET A 124 -4.85 -9.37 -25.38
CA MET A 124 -4.56 -8.10 -24.72
C MET A 124 -3.48 -7.32 -25.46
N ARG A 125 -2.43 -8.03 -25.88
CA ARG A 125 -1.34 -7.37 -26.58
C ARG A 125 -1.81 -6.76 -27.88
N SER A 126 -2.72 -7.44 -28.57
CA SER A 126 -3.27 -6.90 -29.82
C SER A 126 -4.01 -5.59 -29.56
N ILE A 127 -4.80 -5.57 -28.49
CA ILE A 127 -5.54 -4.37 -28.13
C ILE A 127 -4.60 -3.25 -27.74
N MET A 128 -3.67 -3.53 -26.84
CA MET A 128 -2.84 -2.48 -26.28
C MET A 128 -1.78 -1.98 -27.25
N LYS A 129 -1.23 -2.87 -28.08
CA LYS A 129 -0.28 -2.41 -29.09
C LYS A 129 -0.97 -1.46 -30.08
N ASP A 130 -2.24 -1.71 -30.35
CA ASP A 130 -3.01 -0.77 -31.18
C ASP A 130 -3.16 0.59 -30.48
N LEU A 131 -3.48 0.56 -29.19
CA LEU A 131 -3.63 1.80 -28.43
C LEU A 131 -2.33 2.60 -28.37
N TYR A 132 -1.21 1.89 -28.21
CA TYR A 132 0.08 2.56 -28.06
C TYR A 132 0.62 3.16 -29.36
N ARG A 133 0.14 2.68 -30.52
CA ARG A 133 0.63 3.21 -31.79
C ARG A 133 0.41 4.72 -31.90
N GLY A 134 1.50 5.49 -31.96
CA GLY A 134 1.41 6.93 -32.09
C GLY A 134 0.85 7.65 -30.89
N CYS A 135 0.77 6.98 -29.74
CA CYS A 135 0.09 7.57 -28.59
C CYS A 135 0.88 8.70 -27.93
N MET A 136 2.17 8.79 -28.24
CA MET A 136 3.01 9.82 -27.63
C MET A 136 3.36 10.96 -28.57
N ARG A 137 2.67 11.04 -29.71
CA ARG A 137 2.91 12.16 -30.62
C ARG A 137 2.78 13.47 -29.87
N GLY A 138 3.71 14.39 -30.12
CA GLY A 138 3.66 15.71 -29.50
C GLY A 138 4.15 15.74 -28.07
N ARG A 139 4.64 14.61 -27.58
CA ARG A 139 5.09 14.51 -26.19
C ARG A 139 6.52 14.01 -26.03
N THR A 140 7.14 14.35 -24.91
CA THR A 140 8.40 13.75 -24.52
C THR A 140 8.16 12.37 -23.91
N MET A 141 8.96 11.40 -24.32
CA MET A 141 8.92 10.07 -23.72
C MET A 141 10.04 9.98 -22.71
N TYR A 142 9.68 9.76 -21.45
CA TYR A 142 10.68 9.66 -20.38
C TYR A 142 11.01 8.21 -20.12
N VAL A 143 12.29 7.93 -19.90
CA VAL A 143 12.75 6.59 -19.56
C VAL A 143 13.27 6.67 -18.13
N VAL A 144 12.54 6.06 -17.20
CA VAL A 144 12.72 6.29 -15.77
C VAL A 144 13.24 5.05 -15.05
N PRO A 145 14.56 4.97 -14.86
CA PRO A 145 15.13 3.81 -14.15
C PRO A 145 14.87 3.94 -12.66
N PHE A 146 14.57 2.82 -11.99
CA PHE A 146 14.37 2.87 -10.56
C PHE A 146 14.68 1.54 -9.87
N CYS A 147 14.92 1.63 -8.57
CA CYS A 147 15.21 0.49 -7.74
C CYS A 147 14.15 0.38 -6.66
N MET A 148 13.60 -0.83 -6.51
CA MET A 148 12.67 -1.11 -5.42
C MET A 148 13.48 -1.66 -4.24
N GLY A 149 13.44 -0.94 -3.13
CA GLY A 149 14.22 -1.31 -1.95
C GLY A 149 15.56 -0.58 -1.92
N PRO A 150 16.26 -0.64 -0.77
CA PRO A 150 17.56 0.01 -0.61
C PRO A 150 18.56 -0.36 -1.72
N LEU A 151 19.26 0.67 -2.22
CA LEU A 151 20.25 0.52 -3.28
C LEU A 151 21.39 -0.39 -2.84
N GLY A 152 21.69 -0.32 -1.55
CA GLY A 152 22.81 -1.03 -0.98
C GLY A 152 22.75 -2.53 -1.17
N ALA A 153 21.57 -3.05 -1.52
CA ALA A 153 21.37 -4.47 -1.73
C ALA A 153 22.20 -5.03 -2.88
N GLU A 154 22.34 -6.36 -2.89
CA GLU A 154 23.16 -7.08 -3.87
C GLU A 154 22.42 -7.26 -5.18
N ASP A 155 21.34 -8.04 -5.12
CA ASP A 155 20.39 -8.15 -6.22
C ASP A 155 19.16 -7.35 -5.84
N PRO A 156 19.20 -6.02 -6.06
CA PRO A 156 17.90 -5.41 -5.82
C PRO A 156 16.97 -5.65 -7.00
N LYS A 157 15.68 -5.44 -6.77
CA LYS A 157 14.71 -5.55 -7.84
C LYS A 157 14.64 -4.20 -8.57
N LEU A 158 14.97 -4.22 -9.86
CA LEU A 158 15.05 -2.99 -10.64
C LEU A 158 13.89 -2.90 -11.62
N GLY A 159 13.58 -1.66 -12.03
CA GLY A 159 12.55 -1.45 -13.02
C GLY A 159 12.90 -0.25 -13.87
N VAL A 160 12.27 -0.16 -15.04
CA VAL A 160 12.34 1.04 -15.84
C VAL A 160 10.93 1.35 -16.25
N GLU A 161 10.43 2.53 -15.89
CA GLU A 161 9.13 2.96 -16.39
C GLU A 161 9.30 3.92 -17.55
N ILE A 162 8.73 3.57 -18.69
CA ILE A 162 8.65 4.50 -19.80
C ILE A 162 7.31 5.22 -19.65
N THR A 163 7.31 6.54 -19.69
CA THR A 163 6.07 7.31 -19.53
C THR A 163 6.09 8.59 -20.34
N ASP A 164 4.92 9.06 -20.74
CA ASP A 164 4.80 10.36 -21.39
C ASP A 164 4.22 11.40 -20.44
N SER A 165 4.22 11.07 -19.14
CA SER A 165 3.70 11.99 -18.12
C SER A 165 4.79 12.56 -17.22
N GLU A 166 5.01 13.87 -17.31
CA GLU A 166 5.97 14.54 -16.44
C GLU A 166 5.55 14.44 -14.96
N TYR A 167 4.23 14.45 -14.72
CA TYR A 167 3.70 14.23 -13.37
C TYR A 167 4.15 12.88 -12.80
N VAL A 168 4.03 11.83 -13.62
CA VAL A 168 4.50 10.52 -13.22
C VAL A 168 5.99 10.53 -12.89
N VAL A 169 6.81 11.17 -13.72
CA VAL A 169 8.25 11.20 -13.44
C VAL A 169 8.58 11.81 -12.08
N VAL A 170 8.01 12.97 -11.80
CA VAL A 170 8.26 13.65 -10.53
C VAL A 170 7.80 12.82 -9.33
N SER A 171 6.63 12.19 -9.45
CA SER A 171 6.15 11.38 -8.34
C SER A 171 6.94 10.09 -8.18
N MET A 172 7.41 9.52 -9.29
CA MET A 172 8.28 8.35 -9.23
C MET A 172 9.60 8.66 -8.54
N ARG A 173 10.07 9.90 -8.69
CA ARG A 173 11.30 10.33 -8.01
C ARG A 173 11.14 10.26 -6.50
N THR A 174 9.94 10.58 -6.02
CA THR A 174 9.65 10.50 -4.59
C THR A 174 9.35 9.08 -4.15
N MET A 175 8.62 8.32 -4.97
CA MET A 175 8.11 7.01 -4.53
C MET A 175 9.09 5.85 -4.69
N THR A 176 10.14 6.05 -5.49
CA THR A 176 11.15 5.03 -5.73
C THR A 176 12.54 5.65 -5.67
N ARG A 177 13.57 4.81 -5.57
CA ARG A 177 14.92 5.33 -5.73
C ARG A 177 15.20 5.41 -7.21
N MET A 178 15.08 6.62 -7.76
CA MET A 178 15.01 6.81 -9.20
C MET A 178 16.29 7.40 -9.79
N GLY A 179 16.63 6.94 -10.99
CA GLY A 179 17.64 7.61 -11.78
C GLY A 179 18.97 6.92 -11.90
N LYS A 180 20.03 7.72 -11.76
CA LYS A 180 21.40 7.29 -12.03
C LYS A 180 21.82 6.05 -11.25
N ALA A 181 21.60 6.04 -9.94
CA ALA A 181 22.02 4.92 -9.10
C ALA A 181 21.40 3.61 -9.58
N ALA A 182 20.10 3.66 -9.90
CA ALA A 182 19.39 2.48 -10.35
C ALA A 182 19.89 1.98 -11.70
N LEU A 183 20.13 2.91 -12.62
CA LEU A 183 20.63 2.56 -13.94
C LEU A 183 22.01 1.91 -13.84
N GLU A 184 22.85 2.44 -12.95
CA GLU A 184 24.17 1.84 -12.72
C GLU A 184 24.03 0.40 -12.22
N LYS A 185 23.05 0.18 -11.36
CA LYS A 185 22.81 -1.14 -10.78
C LYS A 185 22.44 -2.16 -11.85
N MET A 186 21.83 -1.68 -12.93
CA MET A 186 21.43 -2.56 -14.02
C MET A 186 22.63 -3.09 -14.79
N GLY A 187 23.76 -2.41 -14.67
CA GLY A 187 24.95 -2.85 -15.36
C GLY A 187 24.71 -2.93 -16.85
N ASP A 188 25.32 -3.91 -17.50
CA ASP A 188 25.20 -4.03 -18.94
C ASP A 188 24.15 -5.04 -19.40
N ASP A 189 23.73 -5.94 -18.52
CA ASP A 189 22.72 -6.93 -18.89
C ASP A 189 21.81 -7.38 -17.74
N GLY A 190 21.73 -6.57 -16.69
CA GLY A 190 20.90 -6.91 -15.56
C GLY A 190 19.42 -6.96 -15.90
N PHE A 191 18.70 -7.86 -15.25
CA PHE A 191 17.26 -7.94 -15.44
C PHE A 191 16.57 -6.72 -14.84
N PHE A 192 15.52 -6.25 -15.50
CA PHE A 192 14.67 -5.22 -14.92
C PHE A 192 13.23 -5.44 -15.38
N VAL A 193 12.29 -4.97 -14.57
CA VAL A 193 10.89 -4.95 -14.94
C VAL A 193 10.61 -3.88 -15.97
N LYS A 194 10.06 -4.30 -17.11
CA LYS A 194 9.63 -3.37 -18.15
C LYS A 194 8.25 -2.83 -17.83
N ALA A 195 8.18 -1.54 -17.54
CA ALA A 195 6.91 -0.91 -17.18
C ALA A 195 6.61 0.22 -18.16
N LEU A 196 5.58 0.01 -18.99
CA LEU A 196 5.25 0.95 -20.05
C LEU A 196 3.96 1.70 -19.68
N HIS A 197 3.98 3.01 -19.87
CA HIS A 197 2.84 3.86 -19.53
C HIS A 197 2.63 4.99 -20.53
N SER A 198 1.37 5.23 -20.88
CA SER A 198 0.99 6.44 -21.59
C SER A 198 -0.33 6.96 -21.07
N VAL A 199 -0.46 8.28 -21.00
CA VAL A 199 -1.75 8.90 -20.68
C VAL A 199 -2.75 8.80 -21.83
N GLY A 200 -2.28 8.39 -23.01
CA GLY A 200 -3.19 8.16 -24.14
C GLY A 200 -3.84 9.42 -24.69
N ALA A 201 -3.05 10.48 -24.79
CA ALA A 201 -3.53 11.76 -25.26
C ALA A 201 -2.53 12.42 -26.21
N PRO A 202 -2.31 11.81 -27.39
CA PRO A 202 -1.37 12.41 -28.35
C PRO A 202 -1.76 13.82 -28.79
N LEU A 203 -0.75 14.62 -29.11
CA LEU A 203 -0.95 16.02 -29.49
C LEU A 203 -0.48 16.26 -30.92
N GLU A 204 -1.20 17.12 -31.63
CA GLU A 204 -0.73 17.59 -32.93
C GLU A 204 0.30 18.69 -32.74
N PRO A 205 1.17 18.92 -33.74
CA PRO A 205 2.18 19.97 -33.58
C PRO A 205 1.55 21.33 -33.25
N GLY A 206 2.04 21.96 -32.19
CA GLY A 206 1.52 23.26 -31.78
C GLY A 206 0.20 23.23 -31.06
N GLN A 207 -0.36 22.04 -30.86
CA GLN A 207 -1.64 21.92 -30.15
C GLN A 207 -1.45 22.24 -28.68
N LYS A 208 -2.38 23.02 -28.14
CA LYS A 208 -2.37 23.38 -26.73
C LYS A 208 -2.83 22.20 -25.88
N ASP A 209 -1.99 21.82 -24.91
CA ASP A 209 -2.28 20.67 -24.06
C ASP A 209 -3.19 21.09 -22.91
N VAL A 210 -3.72 20.12 -22.18
CA VAL A 210 -4.46 20.41 -20.95
C VAL A 210 -3.57 20.10 -19.76
N ALA A 211 -3.98 20.55 -18.57
CA ALA A 211 -3.18 20.33 -17.38
C ALA A 211 -3.03 18.85 -17.06
N TRP A 212 -4.12 18.10 -17.20
CA TRP A 212 -4.12 16.69 -16.83
C TRP A 212 -4.65 15.84 -17.97
N PRO A 213 -3.74 15.43 -18.86
CA PRO A 213 -4.16 14.60 -20.00
C PRO A 213 -4.47 13.17 -19.57
N CYS A 214 -5.45 12.57 -20.22
CA CYS A 214 -5.85 11.21 -19.93
C CYS A 214 -6.80 10.75 -21.02
N SER A 215 -7.29 9.53 -20.88
CA SER A 215 -8.17 8.94 -21.89
C SER A 215 -9.39 8.33 -21.23
N GLU A 216 -10.48 8.21 -21.98
CA GLU A 216 -11.64 7.45 -21.51
C GLU A 216 -11.35 5.96 -21.54
N THR A 217 -10.36 5.57 -22.34
CA THR A 217 -9.98 4.17 -22.48
C THR A 217 -8.79 3.85 -21.60
N LYS A 218 -8.97 2.93 -20.66
CA LYS A 218 -7.91 2.59 -19.69
C LYS A 218 -7.67 1.09 -19.57
N TYR A 219 -6.40 0.72 -19.46
CA TYR A 219 -5.99 -0.65 -19.17
C TYR A 219 -4.78 -0.57 -18.26
N ILE A 220 -4.76 -1.40 -17.21
CA ILE A 220 -3.58 -1.52 -16.39
C ILE A 220 -3.29 -3.02 -16.33
N THR A 221 -2.37 -3.44 -17.19
CA THR A 221 -2.17 -4.85 -17.52
C THR A 221 -0.84 -5.38 -17.01
N HIS A 222 -0.87 -6.62 -16.53
CA HIS A 222 0.32 -7.25 -15.97
C HIS A 222 0.56 -8.58 -16.67
N PHE A 223 1.80 -8.80 -17.08
CA PHE A 223 2.19 -10.07 -17.70
C PHE A 223 3.12 -10.77 -16.72
N PRO A 224 2.58 -11.68 -15.91
CA PRO A 224 3.37 -12.17 -14.77
C PRO A 224 4.60 -12.98 -15.18
N GLU A 225 4.51 -13.79 -16.23
CA GLU A 225 5.62 -14.64 -16.63
C GLU A 225 6.85 -13.83 -17.05
N THR A 226 6.62 -12.72 -17.75
CA THR A 226 7.71 -11.91 -18.26
C THR A 226 8.03 -10.71 -17.35
N ARG A 227 7.27 -10.59 -16.26
CA ARG A 227 7.43 -9.48 -15.31
C ARG A 227 7.28 -8.13 -16.02
N GLU A 228 6.22 -7.97 -16.79
CA GLU A 228 5.98 -6.71 -17.51
C GLU A 228 4.68 -6.05 -17.08
N ILE A 229 4.68 -4.73 -17.12
CA ILE A 229 3.48 -3.96 -16.81
C ILE A 229 3.20 -3.02 -17.98
N TRP A 230 1.96 -3.03 -18.48
CA TRP A 230 1.53 -2.12 -19.53
C TRP A 230 0.33 -1.32 -19.03
N SER A 231 0.49 -0.01 -18.92
CA SER A 231 -0.59 0.86 -18.48
C SER A 231 -0.92 1.90 -19.55
N TYR A 232 -2.21 2.17 -19.73
CA TYR A 232 -2.66 3.15 -20.71
C TYR A 232 -3.89 3.90 -20.21
N GLY A 233 -3.86 5.23 -20.31
CA GLY A 233 -5.09 6.02 -20.21
C GLY A 233 -5.27 6.82 -18.95
N SER A 234 -4.59 6.43 -17.88
CA SER A 234 -4.71 7.16 -16.60
C SER A 234 -3.37 7.72 -16.19
N GLY A 235 -3.39 8.90 -15.58
CA GLY A 235 -2.18 9.44 -14.96
C GLY A 235 -2.22 9.36 -13.44
N TYR A 236 -3.21 8.64 -12.90
CA TYR A 236 -3.46 8.69 -11.47
C TYR A 236 -2.91 7.54 -10.64
N GLY A 237 -2.22 7.89 -9.56
CA GLY A 237 -1.88 6.96 -8.49
C GLY A 237 -1.42 5.59 -8.93
N GLY A 238 -2.10 4.57 -8.42
CA GLY A 238 -1.71 3.19 -8.67
C GLY A 238 -1.84 2.78 -10.12
N ASN A 239 -2.54 3.55 -10.94
CA ASN A 239 -2.64 3.22 -12.36
C ASN A 239 -1.38 3.59 -13.12
N ALA A 240 -0.64 4.58 -12.62
CA ALA A 240 0.38 5.25 -13.41
C ALA A 240 1.75 5.27 -12.74
N LEU A 241 1.77 5.33 -11.41
CA LEU A 241 3.04 5.24 -10.70
C LEU A 241 3.29 3.74 -10.53
N LEU A 242 4.05 3.16 -11.46
CA LEU A 242 4.01 1.72 -11.64
C LEU A 242 4.77 0.93 -10.57
N GLY A 243 5.57 1.62 -9.76
CA GLY A 243 6.12 0.98 -8.58
C GLY A 243 5.09 0.73 -7.47
N LYS A 244 4.10 1.61 -7.37
CA LYS A 244 3.19 1.70 -6.20
C LYS A 244 2.41 0.42 -5.84
N LYS A 245 1.73 -0.15 -6.83
CA LYS A 245 1.01 -1.41 -6.64
C LYS A 245 1.38 -2.42 -7.72
N CYS A 246 1.56 -1.95 -8.95
CA CYS A 246 1.79 -2.86 -10.08
C CYS A 246 3.06 -3.68 -9.90
N TYR A 247 4.16 -3.01 -9.53
CA TYR A 247 5.40 -3.70 -9.23
C TYR A 247 5.38 -4.21 -7.79
N SER A 248 5.18 -3.31 -6.82
CA SER A 248 5.33 -3.62 -5.39
C SER A 248 4.55 -4.85 -4.96
N LEU A 249 3.35 -5.00 -5.50
CA LEU A 249 2.48 -6.12 -5.12
C LEU A 249 2.19 -7.12 -6.23
N ARG A 250 1.74 -6.67 -7.40
CA ARG A 250 1.32 -7.65 -8.41
C ARG A 250 2.48 -8.42 -9.02
N ILE A 251 3.41 -7.72 -9.66
CA ILE A 251 4.55 -8.42 -10.25
C ILE A 251 5.40 -9.05 -9.15
N ALA A 252 5.63 -8.31 -8.07
CA ALA A 252 6.46 -8.84 -7.00
C ALA A 252 5.86 -10.06 -6.31
N SER A 253 4.53 -10.12 -6.18
CA SER A 253 3.96 -11.32 -5.57
C SER A 253 4.24 -12.56 -6.43
N ALA A 254 4.24 -12.37 -7.75
CA ALA A 254 4.59 -13.47 -8.66
C ALA A 254 6.06 -13.84 -8.55
N MET A 255 6.94 -12.84 -8.46
CA MET A 255 8.35 -13.11 -8.24
C MET A 255 8.56 -13.87 -6.93
N ALA A 256 7.90 -13.40 -5.87
CA ALA A 256 8.05 -13.98 -4.54
C ALA A 256 7.57 -15.42 -4.52
N HIS A 257 6.49 -15.69 -5.25
CA HIS A 257 5.93 -17.02 -5.40
C HIS A 257 7.00 -17.97 -5.96
N ASP A 258 7.70 -17.51 -6.99
CA ASP A 258 8.68 -18.34 -7.70
C ASP A 258 10.00 -18.44 -6.95
N GLU A 259 10.30 -17.42 -6.15
CA GLU A 259 11.62 -17.27 -5.54
C GLU A 259 11.70 -17.54 -4.04
N GLY A 260 10.55 -17.86 -3.43
CA GLY A 260 10.54 -18.26 -2.03
C GLY A 260 10.47 -17.16 -0.98
N TRP A 261 9.88 -16.03 -1.34
CA TRP A 261 9.71 -14.93 -0.38
C TRP A 261 8.28 -14.39 -0.41
N LEU A 262 8.04 -13.24 0.23
CA LEU A 262 6.68 -12.69 0.35
C LEU A 262 6.66 -11.21 0.00
N ALA A 263 5.76 -10.83 -0.91
CA ALA A 263 5.55 -9.41 -1.23
C ALA A 263 4.14 -9.05 -0.78
N GLU A 264 4.05 -8.19 0.23
CA GLU A 264 2.79 -8.03 0.95
C GLU A 264 2.39 -6.58 1.15
N HIS A 265 1.10 -6.38 1.38
CA HIS A 265 0.51 -5.06 1.57
C HIS A 265 0.52 -4.76 3.06
N MET A 266 1.71 -4.47 3.59
CA MET A 266 1.89 -4.32 5.03
C MET A 266 2.70 -3.09 5.42
N LEU A 267 2.26 -2.42 6.48
CA LEU A 267 3.10 -1.41 7.14
C LEU A 267 4.20 -2.14 7.90
N ILE A 268 5.29 -1.43 8.18
CA ILE A 268 6.35 -1.98 9.00
C ILE A 268 6.57 -1.07 10.20
N LEU A 269 6.29 -1.59 11.40
CA LEU A 269 6.34 -0.79 12.63
C LEU A 269 7.47 -1.28 13.52
N LYS A 270 8.23 -0.34 14.07
CA LYS A 270 9.25 -0.66 15.09
C LYS A 270 8.74 -0.19 16.44
N LEU A 271 8.60 -1.12 17.38
CA LEU A 271 8.13 -0.78 18.71
C LEU A 271 9.27 -1.05 19.69
N ILE A 272 9.53 -0.08 20.57
CA ILE A 272 10.63 -0.20 21.53
C ILE A 272 10.04 -0.18 22.93
N SER A 273 10.40 -1.18 23.74
CA SER A 273 9.79 -1.37 25.05
C SER A 273 10.60 -0.64 26.13
N PRO A 274 10.08 -0.59 27.36
CA PRO A 274 10.83 0.09 28.43
C PRO A 274 12.18 -0.56 28.77
N GLU A 275 12.40 -1.80 28.35
CA GLU A 275 13.73 -2.38 28.55
C GLU A 275 14.65 -2.02 27.40
N ASN A 276 14.16 -1.16 26.50
CA ASN A 276 14.94 -0.67 25.36
C ASN A 276 15.27 -1.77 24.34
N LYS A 277 14.34 -2.70 24.18
CA LYS A 277 14.43 -3.72 23.15
C LYS A 277 13.47 -3.36 22.02
N ALA A 278 13.93 -3.54 20.77
CA ALA A 278 13.12 -3.26 19.58
C ALA A 278 12.40 -4.49 19.06
N TYR A 279 11.16 -4.29 18.62
CA TYR A 279 10.36 -5.35 18.02
C TYR A 279 9.83 -4.82 16.71
N TYR A 280 9.87 -5.66 15.67
CA TYR A 280 9.35 -5.22 14.37
C TYR A 280 8.10 -6.00 13.97
N PHE A 281 7.08 -5.26 13.52
CA PHE A 281 5.82 -5.89 13.14
C PHE A 281 5.47 -5.53 11.72
N ALA A 282 4.92 -6.48 10.98
CA ALA A 282 4.35 -6.19 9.65
C ALA A 282 2.84 -6.35 9.77
N ALA A 283 2.08 -5.37 9.27
CA ALA A 283 0.64 -5.37 9.52
C ALA A 283 -0.14 -5.03 8.27
N ALA A 284 -1.12 -5.88 7.94
CA ALA A 284 -1.96 -5.68 6.75
C ALA A 284 -3.40 -5.34 7.13
N PHE A 285 -3.89 -4.22 6.60
CA PHE A 285 -5.27 -3.78 6.77
C PHE A 285 -5.80 -3.36 5.40
N PRO A 286 -7.09 -3.59 5.15
CA PRO A 286 -7.74 -2.96 4.00
C PRO A 286 -7.91 -1.47 4.23
N SER A 287 -8.45 -0.77 3.24
CA SER A 287 -8.66 0.67 3.36
C SER A 287 -9.69 0.97 4.46
N ALA A 288 -9.71 2.23 4.91
CA ALA A 288 -10.69 2.69 5.88
C ALA A 288 -10.58 1.96 7.22
N CYS A 289 -9.37 1.58 7.59
CA CYS A 289 -9.14 0.89 8.86
C CYS A 289 -8.07 1.58 9.70
N GLY A 290 -7.71 2.80 9.31
CA GLY A 290 -6.78 3.60 10.10
C GLY A 290 -5.33 3.12 10.07
N LYS A 291 -4.97 2.42 8.99
CA LYS A 291 -3.64 1.82 8.86
C LYS A 291 -2.50 2.84 9.03
N THR A 292 -2.67 4.04 8.48
CA THR A 292 -1.61 5.03 8.56
C THR A 292 -1.43 5.55 9.99
N ASN A 293 -2.54 5.67 10.72
CA ASN A 293 -2.50 6.10 12.12
C ASN A 293 -1.69 5.10 12.95
N LEU A 294 -1.86 3.81 12.66
CA LEU A 294 -1.14 2.78 13.40
C LEU A 294 0.33 2.76 13.02
N ALA A 295 0.61 2.94 11.72
CA ALA A 295 1.97 2.96 11.24
C ALA A 295 2.78 4.06 11.90
N MET A 296 2.12 5.15 12.28
CA MET A 296 2.81 6.28 12.88
C MET A 296 2.35 6.55 14.31
N LEU A 297 1.97 5.45 14.97
CA LEU A 297 1.54 5.39 16.36
C LEU A 297 2.39 6.25 17.31
N GLN A 298 1.72 7.03 18.17
CA GLN A 298 2.35 7.62 19.36
C GLN A 298 1.84 6.88 20.58
N PRO A 299 2.66 5.99 21.17
CA PRO A 299 2.17 5.24 22.34
C PRO A 299 1.77 6.15 23.51
N THR A 300 0.85 5.65 24.32
CA THR A 300 0.26 6.42 25.41
C THR A 300 0.66 5.88 26.78
N ILE A 301 1.54 4.89 26.78
CA ILE A 301 2.04 4.31 28.02
C ILE A 301 3.53 4.59 28.15
N PRO A 302 3.99 4.91 29.37
CA PRO A 302 5.37 5.36 29.54
C PRO A 302 6.40 4.29 29.20
N GLY A 303 7.48 4.71 28.54
CA GLY A 303 8.59 3.82 28.27
C GLY A 303 8.47 3.10 26.94
N TRP A 304 7.35 3.30 26.25
CA TRP A 304 7.12 2.66 24.95
C TRP A 304 7.24 3.70 23.83
N ARG A 305 8.03 3.37 22.81
CA ARG A 305 8.25 4.26 21.67
C ARG A 305 7.97 3.54 20.36
N ALA A 306 7.59 4.29 19.33
CA ALA A 306 7.32 3.67 18.03
C ALA A 306 7.99 4.44 16.91
N GLU A 307 8.49 3.70 15.92
CA GLU A 307 9.10 4.30 14.74
C GLU A 307 8.60 3.55 13.52
N THR A 308 8.68 4.16 12.35
CA THR A 308 8.15 3.51 11.14
C THR A 308 9.24 3.16 10.13
N LEU A 309 9.06 2.06 9.40
CA LEU A 309 9.88 1.80 8.22
C LEU A 309 9.04 1.86 6.95
N GLY A 310 7.75 2.10 7.12
CA GLY A 310 6.84 2.13 5.97
C GLY A 310 5.39 2.01 6.38
N ASP A 311 4.49 2.53 5.54
CA ASP A 311 3.07 2.38 5.82
C ASP A 311 2.26 1.79 4.67
N ASP A 312 2.88 0.99 3.80
CA ASP A 312 2.09 0.35 2.75
C ASP A 312 2.55 -1.02 2.26
N ILE A 313 3.81 -1.14 1.87
CA ILE A 313 4.32 -2.38 1.28
C ILE A 313 5.48 -2.93 2.08
N ALA A 314 5.49 -4.25 2.26
CA ALA A 314 6.63 -4.92 2.89
C ALA A 314 7.06 -6.12 2.06
N TRP A 315 8.36 -6.25 1.82
CA TRP A 315 8.89 -7.43 1.15
C TRP A 315 9.68 -8.21 2.20
N MET A 316 9.32 -9.48 2.39
CA MET A 316 9.90 -10.29 3.46
C MET A 316 10.58 -11.55 2.93
N ARG A 317 11.78 -11.81 3.42
CA ARG A 317 12.58 -12.95 2.95
C ARG A 317 13.26 -13.58 4.16
N PHE A 318 13.49 -14.89 4.10
CA PHE A 318 14.20 -15.54 5.19
C PHE A 318 15.68 -15.18 5.20
N GLY A 319 16.20 -14.89 6.38
CA GLY A 319 17.62 -14.61 6.55
C GLY A 319 18.37 -15.88 6.89
N LYS A 320 19.70 -15.76 7.02
CA LYS A 320 20.54 -16.91 7.34
C LYS A 320 20.16 -17.55 8.67
N ASP A 321 19.67 -16.74 9.60
CA ASP A 321 19.33 -17.23 10.95
C ASP A 321 17.95 -17.86 11.02
N GLY A 322 17.24 -17.90 9.89
CA GLY A 322 15.95 -18.55 9.83
C GLY A 322 14.76 -17.64 10.12
N ARG A 323 15.05 -16.39 10.46
CA ARG A 323 14.00 -15.40 10.72
C ARG A 323 13.56 -14.72 9.44
N LEU A 324 12.36 -14.15 9.46
CA LEU A 324 11.81 -13.42 8.31
C LEU A 324 12.19 -11.95 8.44
N TYR A 325 12.83 -11.40 7.40
CA TYR A 325 13.28 -10.02 7.42
C TYR A 325 12.51 -9.17 6.41
N ALA A 326 12.08 -7.99 6.85
CA ALA A 326 11.28 -7.12 6.00
C ALA A 326 12.05 -5.90 5.54
N VAL A 327 11.80 -5.52 4.28
CA VAL A 327 12.32 -4.29 3.68
C VAL A 327 11.12 -3.57 3.06
N ASN A 328 11.13 -2.24 3.08
CA ASN A 328 10.16 -1.45 2.35
C ASN A 328 10.69 -1.16 0.95
N PRO A 329 9.99 -1.65 -0.09
CA PRO A 329 10.52 -1.45 -1.43
C PRO A 329 10.28 -0.03 -1.94
N GLU A 330 9.49 0.77 -1.22
CA GLU A 330 9.22 2.13 -1.68
C GLU A 330 10.11 3.15 -1.01
N PHE A 331 10.05 4.38 -1.51
CA PHE A 331 10.95 5.45 -1.05
C PHE A 331 10.16 6.67 -0.56
N GLY A 332 8.84 6.62 -0.73
CA GLY A 332 8.01 7.74 -0.34
C GLY A 332 6.65 7.29 0.15
N PHE A 333 5.87 8.23 0.69
CA PHE A 333 4.50 7.97 1.13
C PHE A 333 3.55 8.51 0.06
N PHE A 334 2.48 7.77 -0.22
CA PHE A 334 1.46 8.21 -1.16
C PHE A 334 0.12 8.02 -0.45
N GLY A 335 -0.21 8.96 0.42
CA GLY A 335 -1.32 8.74 1.36
C GLY A 335 -2.60 9.46 1.00
N VAL A 336 -3.72 8.84 1.35
CA VAL A 336 -5.01 9.51 1.21
C VAL A 336 -5.03 10.71 2.16
N ALA A 337 -5.26 11.91 1.62
CA ALA A 337 -5.21 13.10 2.44
C ALA A 337 -6.40 13.25 3.41
N PRO A 338 -7.65 13.20 2.88
CA PRO A 338 -8.76 13.41 3.81
C PRO A 338 -8.73 12.48 5.01
N GLY A 339 -9.00 13.05 6.18
CA GLY A 339 -8.93 12.31 7.43
C GLY A 339 -7.59 12.45 8.13
N THR A 340 -6.56 12.85 7.39
CA THR A 340 -5.25 13.10 7.98
C THR A 340 -5.32 14.45 8.70
N ASN A 341 -4.98 14.46 9.98
CA ASN A 341 -5.01 15.72 10.72
C ASN A 341 -4.05 15.71 11.92
N TRP A 342 -3.91 16.86 12.58
CA TRP A 342 -2.93 17.00 13.64
C TRP A 342 -3.36 16.25 14.87
N LYS A 343 -4.65 16.14 15.08
CA LYS A 343 -5.09 15.57 16.32
C LYS A 343 -5.04 14.05 16.36
N SER A 344 -5.17 13.41 15.20
CA SER A 344 -5.12 11.95 15.08
C SER A 344 -3.83 11.40 14.49
N ASN A 345 -3.16 12.17 13.65
CA ASN A 345 -1.89 11.72 13.10
C ASN A 345 -0.92 12.87 12.95
N PRO A 346 -0.46 13.42 14.08
CA PRO A 346 0.49 14.54 13.99
C PRO A 346 1.80 14.13 13.31
N ASN A 347 2.21 12.87 13.42
CA ASN A 347 3.43 12.44 12.74
C ASN A 347 3.34 12.49 11.22
N ALA A 348 2.18 12.14 10.65
CA ALA A 348 1.99 12.29 9.21
C ALA A 348 2.00 13.77 8.86
N MET A 349 1.30 14.59 9.66
CA MET A 349 1.30 16.03 9.41
C MET A 349 2.70 16.63 9.46
N ARG A 350 3.53 16.15 10.38
CA ARG A 350 4.90 16.66 10.49
C ARG A 350 5.75 16.24 9.29
N THR A 351 5.50 15.05 8.76
CA THR A 351 6.19 14.57 7.57
C THR A 351 5.86 15.48 6.38
N ILE A 352 4.57 15.76 6.22
CA ILE A 352 4.09 16.62 5.14
C ILE A 352 4.61 18.06 5.32
N ALA A 353 4.68 18.51 6.57
CA ALA A 353 5.12 19.89 6.87
C ALA A 353 6.50 20.23 6.33
N ALA A 354 7.36 19.25 6.23
CA ALA A 354 8.72 19.46 5.75
C ALA A 354 8.80 19.68 4.23
N GLY A 355 7.65 19.60 3.55
CA GLY A 355 7.59 19.95 2.14
C GLY A 355 8.02 18.86 1.18
N ASN A 356 8.62 19.29 0.06
CA ASN A 356 9.00 18.39 -1.03
C ASN A 356 7.86 17.47 -1.41
N THR A 357 6.64 17.99 -1.36
CA THR A 357 5.44 17.18 -1.51
C THR A 357 4.63 17.58 -2.74
N VAL A 358 4.13 16.59 -3.46
CA VAL A 358 3.14 16.82 -4.50
C VAL A 358 1.80 16.41 -3.94
N PHE A 359 0.86 17.35 -3.91
CA PHE A 359 -0.52 17.07 -3.48
C PHE A 359 -1.37 16.97 -4.72
N THR A 360 -2.30 16.03 -4.75
CA THR A 360 -3.19 15.88 -5.90
C THR A 360 -4.64 15.94 -5.43
N ASN A 361 -5.36 16.92 -5.95
CA ASN A 361 -6.80 17.09 -5.71
C ASN A 361 -7.20 17.52 -4.31
N VAL A 362 -6.28 18.16 -3.59
CA VAL A 362 -6.69 18.80 -2.34
C VAL A 362 -7.10 20.24 -2.61
N ALA A 363 -7.55 20.94 -1.57
CA ALA A 363 -8.01 22.32 -1.75
C ALA A 363 -6.89 23.31 -1.46
N LEU A 364 -7.01 24.50 -2.04
CA LEU A 364 -6.00 25.56 -1.89
C LEU A 364 -6.53 26.68 -1.00
N THR A 365 -5.77 27.04 0.02
CA THR A 365 -6.16 28.12 0.92
C THR A 365 -5.75 29.48 0.36
N ASP A 366 -6.27 30.54 0.98
CA ASP A 366 -6.04 31.89 0.50
C ASP A 366 -4.57 32.30 0.60
N ASP A 367 -3.83 31.66 1.50
CA ASP A 367 -2.41 31.96 1.66
C ASP A 367 -1.49 30.88 1.06
N GLY A 368 -2.03 30.08 0.16
CA GLY A 368 -1.20 29.14 -0.60
C GLY A 368 -0.83 27.91 0.19
N ASP A 369 -1.61 27.60 1.23
CA ASP A 369 -1.48 26.36 1.98
C ASP A 369 -2.50 25.41 1.38
N VAL A 370 -2.60 24.20 1.93
CA VAL A 370 -3.57 23.23 1.44
C VAL A 370 -4.50 22.77 2.56
N TRP A 371 -5.66 22.27 2.17
CA TRP A 371 -6.63 21.77 3.14
C TRP A 371 -7.42 20.61 2.55
N TRP A 372 -7.98 19.79 3.43
CA TRP A 372 -8.83 18.68 3.03
C TRP A 372 -9.75 18.38 4.18
N GLU A 373 -10.88 17.74 3.87
CA GLU A 373 -11.85 17.34 4.89
C GLU A 373 -11.16 16.59 6.03
N GLY A 374 -11.47 16.99 7.26
CA GLY A 374 -10.88 16.36 8.44
C GLY A 374 -9.73 17.17 9.05
N LEU A 375 -9.12 18.02 8.24
CA LEU A 375 -7.98 18.81 8.74
C LEU A 375 -8.46 20.00 9.58
N GLU A 376 -7.68 20.35 10.58
CA GLU A 376 -7.99 21.51 11.42
C GLU A 376 -7.90 22.81 10.64
N GLY A 377 -8.48 23.87 11.19
CA GLY A 377 -8.28 25.19 10.61
C GLY A 377 -9.55 25.97 10.32
N ASP A 378 -10.66 25.27 10.06
CA ASP A 378 -11.92 25.89 9.65
C ASP A 378 -11.71 27.02 8.63
N PRO A 379 -11.05 26.73 7.50
CA PRO A 379 -10.82 27.78 6.50
C PRO A 379 -12.15 28.36 5.99
N GLN A 380 -12.24 29.68 5.93
CA GLN A 380 -13.49 30.30 5.54
C GLN A 380 -13.76 30.24 4.04
N HIS A 381 -12.71 30.33 3.24
CA HIS A 381 -12.82 30.20 1.78
C HIS A 381 -11.71 29.30 1.28
N LEU A 382 -12.01 28.47 0.28
CA LEU A 382 -11.00 27.68 -0.39
C LEU A 382 -11.24 27.67 -1.87
N ILE A 383 -10.22 27.30 -2.64
CA ILE A 383 -10.45 26.87 -4.01
C ILE A 383 -10.47 25.35 -3.98
N ASP A 384 -11.57 24.76 -4.45
CA ASP A 384 -11.71 23.30 -4.35
C ASP A 384 -10.89 22.57 -5.43
N TRP A 385 -11.00 21.24 -5.43
CA TRP A 385 -10.19 20.41 -6.31
C TRP A 385 -10.59 20.53 -7.79
N LYS A 386 -11.69 21.24 -8.06
CA LYS A 386 -12.11 21.50 -9.46
C LYS A 386 -11.83 22.94 -9.88
N GLY A 387 -11.18 23.70 -8.99
CA GLY A 387 -10.82 25.09 -9.28
C GLY A 387 -11.91 26.11 -8.95
N ASN A 388 -12.92 25.69 -8.20
CA ASN A 388 -14.06 26.54 -7.89
C ASN A 388 -14.04 27.07 -6.46
N ASP A 389 -14.70 28.20 -6.22
CA ASP A 389 -14.80 28.75 -4.87
C ASP A 389 -15.61 27.86 -3.95
N TRP A 390 -15.10 27.69 -2.73
CA TRP A 390 -15.74 26.91 -1.67
C TRP A 390 -15.81 27.76 -0.42
N TYR A 391 -16.95 27.70 0.28
CA TYR A 391 -17.15 28.49 1.49
C TYR A 391 -17.56 27.65 2.69
N PHE A 392 -16.96 27.95 3.84
CA PHE A 392 -17.19 27.24 5.10
C PHE A 392 -18.67 27.25 5.49
N ARG A 393 -19.17 26.09 5.92
CA ARG A 393 -20.56 25.92 6.34
C ARG A 393 -21.56 26.48 5.33
N GLU A 394 -21.29 26.23 4.06
CA GLU A 394 -22.16 26.72 3.00
C GLU A 394 -22.09 25.78 1.80
N THR A 395 -20.90 25.66 1.21
CA THR A 395 -20.73 24.82 0.03
C THR A 395 -20.96 23.36 0.38
N GLU A 396 -21.74 22.68 -0.47
CA GLU A 396 -22.25 21.34 -0.14
C GLU A 396 -21.44 20.24 -0.80
N THR A 397 -20.41 20.63 -1.55
CA THR A 397 -19.51 19.67 -2.18
C THR A 397 -18.20 19.62 -1.39
N ASN A 398 -17.52 18.47 -1.36
CA ASN A 398 -16.20 18.36 -0.70
C ASN A 398 -15.20 19.32 -1.32
N ALA A 399 -14.36 19.93 -0.49
CA ALA A 399 -13.34 20.85 -0.99
C ALA A 399 -12.21 20.07 -1.66
N ALA A 400 -11.81 18.97 -1.01
CA ALA A 400 -10.82 18.04 -1.58
C ALA A 400 -11.55 16.83 -2.11
N HIS A 401 -11.00 16.24 -3.17
CA HIS A 401 -11.57 14.97 -3.61
C HIS A 401 -11.38 13.94 -2.50
N PRO A 402 -12.36 13.06 -2.29
CA PRO A 402 -12.24 12.07 -1.21
C PRO A 402 -11.05 11.11 -1.34
N ASN A 403 -10.50 10.95 -2.54
CA ASN A 403 -9.33 10.09 -2.78
C ASN A 403 -8.07 10.91 -3.04
N SER A 404 -8.11 12.18 -2.66
CA SER A 404 -6.97 13.08 -2.87
C SER A 404 -5.75 12.61 -2.08
N ARG A 405 -4.59 13.07 -2.50
CA ARG A 405 -3.33 12.44 -2.07
C ARG A 405 -2.24 13.42 -1.71
N TYR A 406 -1.36 12.98 -0.81
CA TYR A 406 -0.05 13.61 -0.65
C TYR A 406 1.03 12.61 -1.04
N CYS A 407 2.08 13.11 -1.70
CA CYS A 407 3.19 12.27 -2.15
C CYS A 407 4.45 12.91 -1.60
N THR A 408 5.07 12.25 -0.63
CA THR A 408 6.07 12.89 0.24
C THR A 408 7.22 11.93 0.53
N PRO A 409 8.47 12.41 0.52
CA PRO A 409 9.61 11.53 0.81
C PRO A 409 9.54 10.89 2.20
N MET A 410 9.93 9.62 2.29
CA MET A 410 9.95 8.94 3.58
C MET A 410 11.00 9.53 4.51
N SER A 411 12.09 10.02 3.93
CA SER A 411 13.24 10.43 4.73
C SER A 411 12.94 11.61 5.66
N GLN A 412 11.81 12.28 5.40
CA GLN A 412 11.36 13.46 6.17
C GLN A 412 10.57 13.12 7.41
N CYS A 413 10.19 11.85 7.55
CA CYS A 413 9.33 11.45 8.65
C CYS A 413 10.09 11.54 9.98
N PRO A 414 9.56 12.31 10.94
CA PRO A 414 10.31 12.53 12.20
C PRO A 414 10.44 11.29 13.06
N ILE A 415 9.59 10.28 12.82
CA ILE A 415 9.72 9.01 13.53
C ILE A 415 10.21 7.86 12.63
N LEU A 416 10.95 8.21 11.58
CA LEU A 416 11.57 7.18 10.73
C LEU A 416 12.60 6.38 11.52
N ALA A 417 12.50 5.05 11.46
CA ALA A 417 13.48 4.20 12.13
C ALA A 417 14.83 4.29 11.41
N PRO A 418 15.94 4.27 12.17
CA PRO A 418 17.27 4.32 11.57
C PRO A 418 17.51 3.17 10.58
N GLU A 419 16.78 2.06 10.75
CA GLU A 419 16.94 0.88 9.92
C GLU A 419 16.23 0.98 8.57
N TRP A 420 15.55 2.10 8.31
CA TRP A 420 14.70 2.23 7.13
C TRP A 420 15.37 1.97 5.79
N ASP A 421 16.67 2.24 5.68
CA ASP A 421 17.36 2.12 4.40
C ASP A 421 18.39 0.98 4.43
N ASP A 422 18.26 0.07 5.39
CA ASP A 422 19.16 -1.07 5.54
C ASP A 422 18.76 -2.19 4.57
N PRO A 423 19.65 -2.57 3.65
CA PRO A 423 19.23 -3.59 2.69
C PRO A 423 19.03 -4.97 3.31
N GLN A 424 19.54 -5.20 4.52
CA GLN A 424 19.34 -6.47 5.23
C GLN A 424 17.93 -6.57 5.80
N GLY A 425 17.25 -5.42 5.93
CA GLY A 425 15.92 -5.41 6.51
C GLY A 425 15.89 -5.62 8.00
N VAL A 426 14.71 -5.87 8.54
CA VAL A 426 14.52 -5.98 9.98
C VAL A 426 13.78 -7.27 10.30
N PRO A 427 14.17 -7.93 11.40
CA PRO A 427 13.55 -9.23 11.68
C PRO A 427 12.15 -9.06 12.24
N ILE A 428 11.19 -9.76 11.64
CA ILE A 428 9.77 -9.60 12.02
C ILE A 428 9.38 -10.55 13.15
N SER A 429 8.89 -9.97 14.25
CA SER A 429 8.44 -10.76 15.40
C SER A 429 6.97 -11.13 15.31
N GLY A 430 6.17 -10.27 14.69
CA GLY A 430 4.76 -10.54 14.58
C GLY A 430 4.19 -10.01 13.29
N ILE A 431 3.24 -10.75 12.75
CA ILE A 431 2.47 -10.33 11.57
C ILE A 431 1.04 -10.10 12.06
N LEU A 432 0.52 -8.91 11.79
CA LEU A 432 -0.85 -8.57 12.21
C LEU A 432 -1.74 -8.45 10.99
N PHE A 433 -2.96 -8.96 11.13
CA PHE A 433 -4.01 -8.72 10.14
C PHE A 433 -5.13 -7.98 10.82
N GLY A 434 -5.79 -7.08 10.11
CA GLY A 434 -6.84 -6.30 10.75
C GLY A 434 -7.95 -5.95 9.80
N GLY A 435 -9.13 -5.71 10.34
CA GLY A 435 -10.24 -5.21 9.54
C GLY A 435 -11.19 -4.44 10.43
N ARG A 436 -12.25 -3.90 9.83
CA ARG A 436 -13.25 -3.18 10.61
C ARG A 436 -14.47 -4.07 10.80
N ARG A 437 -14.75 -4.46 12.04
CA ARG A 437 -15.91 -5.30 12.31
C ARG A 437 -16.69 -4.74 13.50
N LYS A 438 -17.95 -4.40 13.29
CA LYS A 438 -18.81 -3.95 14.40
C LYS A 438 -19.05 -5.03 15.45
N THR A 439 -19.09 -6.29 15.01
CA THR A 439 -19.41 -7.40 15.90
C THR A 439 -18.42 -8.55 15.73
N THR A 440 -18.53 -9.53 16.63
CA THR A 440 -17.98 -10.88 16.44
C THR A 440 -16.48 -11.03 16.70
N VAL A 441 -15.69 -10.22 16.00
CA VAL A 441 -14.23 -10.33 16.05
C VAL A 441 -13.66 -9.51 17.21
N PRO A 442 -12.92 -10.15 18.11
CA PRO A 442 -12.43 -9.40 19.28
C PRO A 442 -11.31 -8.43 18.97
N LEU A 443 -11.03 -7.56 19.94
CA LEU A 443 -10.02 -6.52 19.82
C LEU A 443 -8.66 -7.08 19.38
N VAL A 444 -8.25 -8.20 19.97
CA VAL A 444 -7.04 -8.87 19.52
C VAL A 444 -7.11 -10.36 19.78
N THR A 445 -6.52 -11.14 18.88
CA THR A 445 -6.46 -12.59 18.98
C THR A 445 -5.08 -13.02 18.48
N GLU A 446 -4.47 -14.00 19.13
CA GLU A 446 -3.24 -14.62 18.61
C GLU A 446 -3.56 -15.98 18.01
N ALA A 447 -2.97 -16.25 16.85
CA ALA A 447 -3.09 -17.54 16.19
C ALA A 447 -2.51 -18.68 17.03
N ARG A 448 -2.97 -19.89 16.78
CA ARG A 448 -2.51 -21.07 17.53
C ARG A 448 -1.17 -21.56 16.99
N ASP A 449 -0.89 -21.25 15.72
CA ASP A 449 0.33 -21.69 15.04
C ASP A 449 0.35 -21.03 13.67
N TRP A 450 1.38 -21.27 12.88
CA TRP A 450 1.50 -20.62 11.58
C TRP A 450 0.35 -20.93 10.61
N GLN A 451 -0.02 -22.20 10.48
CA GLN A 451 -1.10 -22.56 9.57
C GLN A 451 -2.41 -21.87 9.94
N HIS A 452 -2.70 -21.79 11.24
CA HIS A 452 -3.87 -21.08 11.72
C HIS A 452 -3.73 -19.60 11.37
N GLY A 453 -2.53 -19.07 11.53
CA GLY A 453 -2.23 -17.71 11.13
C GLY A 453 -2.52 -17.43 9.65
N VAL A 454 -2.16 -18.37 8.79
CA VAL A 454 -2.47 -18.23 7.37
C VAL A 454 -3.99 -18.20 7.15
N PHE A 455 -4.72 -19.07 7.86
CA PHE A 455 -6.17 -19.07 7.77
C PHE A 455 -6.75 -17.73 8.21
N ILE A 456 -6.19 -17.17 9.28
CA ILE A 456 -6.64 -15.86 9.79
C ILE A 456 -6.43 -14.75 8.74
N GLY A 457 -5.27 -14.75 8.09
CA GLY A 457 -5.04 -13.79 7.01
C GLY A 457 -5.95 -14.04 5.82
N ALA A 458 -6.07 -15.31 5.44
CA ALA A 458 -6.82 -15.73 4.26
C ALA A 458 -8.30 -15.40 4.35
N THR A 459 -8.80 -15.30 5.58
CA THR A 459 -10.23 -15.06 5.78
C THR A 459 -10.51 -13.69 6.37
N LEU A 460 -9.52 -12.80 6.30
CA LEU A 460 -9.67 -11.43 6.79
C LEU A 460 -10.96 -10.80 6.30
N GLY A 461 -11.82 -10.41 7.24
CA GLY A 461 -13.09 -9.80 6.90
C GLY A 461 -13.15 -8.35 7.32
N SER A 462 -13.78 -7.54 6.50
CA SER A 462 -13.95 -6.13 6.85
C SER A 462 -15.28 -5.63 6.33
N GLU A 463 -15.84 -4.68 7.06
CA GLU A 463 -17.19 -4.20 6.77
C GLU A 463 -17.33 -3.61 5.37
N GLN A 464 -18.42 -3.98 4.70
CA GLN A 464 -18.82 -3.36 3.45
C GLN A 464 -20.32 -3.08 3.53
N THR A 465 -20.85 -2.33 2.57
CA THR A 465 -22.29 -2.12 2.54
C THR A 465 -23.03 -3.30 1.90
N ASN A 474 -22.52 -7.66 3.90
CA ASN A 474 -22.11 -6.91 5.07
C ASN A 474 -20.61 -7.03 5.36
N VAL A 475 -20.04 -8.20 5.08
CA VAL A 475 -18.62 -8.44 5.35
C VAL A 475 -17.85 -8.86 4.09
N ARG A 476 -16.93 -8.01 3.63
CA ARG A 476 -16.07 -8.31 2.48
C ARG A 476 -14.85 -9.08 2.94
N ARG A 477 -14.49 -10.15 2.21
CA ARG A 477 -13.25 -10.86 2.51
C ARG A 477 -12.11 -10.27 1.67
N ASP A 478 -11.02 -9.92 2.34
CA ASP A 478 -9.90 -9.24 1.68
C ASP A 478 -8.65 -9.90 2.23
N PRO A 479 -8.29 -11.07 1.66
CA PRO A 479 -7.23 -11.91 2.23
C PRO A 479 -5.89 -11.19 2.25
N MET A 480 -5.32 -11.04 3.44
CA MET A 480 -4.04 -10.35 3.64
C MET A 480 -4.07 -8.92 3.08
N ALA A 481 -5.26 -8.36 2.95
CA ALA A 481 -5.45 -7.05 2.32
C ALA A 481 -4.91 -7.00 0.89
N MET A 482 -4.97 -8.15 0.20
CA MET A 482 -4.39 -8.29 -1.13
C MET A 482 -5.44 -8.53 -2.22
N LEU A 483 -6.73 -8.44 -1.88
CA LEU A 483 -7.78 -8.76 -2.87
C LEU A 483 -7.61 -8.12 -4.26
N PRO A 484 -7.25 -6.82 -4.31
CA PRO A 484 -7.05 -6.21 -5.64
C PRO A 484 -5.63 -6.25 -6.17
N PHE A 485 -4.73 -6.99 -5.51
CA PHE A 485 -3.31 -6.83 -5.78
C PHE A 485 -2.52 -8.11 -6.02
N LEU A 486 -3.19 -9.27 -6.04
CA LEU A 486 -2.46 -10.52 -6.25
C LEU A 486 -2.02 -10.68 -7.71
N GLY A 487 -0.82 -11.19 -7.93
CA GLY A 487 -0.30 -11.37 -9.28
C GLY A 487 -0.54 -12.76 -9.81
N TYR A 488 -1.23 -13.59 -9.03
CA TYR A 488 -1.51 -14.97 -9.41
C TYR A 488 -2.70 -15.51 -8.62
N ASN A 489 -3.01 -16.79 -8.81
CA ASN A 489 -4.19 -17.39 -8.20
C ASN A 489 -4.19 -17.32 -6.66
N VAL A 490 -5.29 -16.83 -6.09
CA VAL A 490 -5.39 -16.63 -4.65
C VAL A 490 -5.18 -17.92 -3.85
N GLY A 491 -5.65 -19.04 -4.37
CA GLY A 491 -5.43 -20.32 -3.70
C GLY A 491 -3.96 -20.69 -3.68
N ASP A 492 -3.29 -20.49 -4.80
CA ASP A 492 -1.86 -20.76 -4.88
C ASP A 492 -1.07 -19.85 -3.94
N TYR A 493 -1.54 -18.62 -3.78
CA TYR A 493 -0.93 -17.67 -2.85
C TYR A 493 -1.05 -18.16 -1.41
N PHE A 494 -2.23 -18.66 -1.04
CA PHE A 494 -2.39 -19.25 0.28
C PHE A 494 -1.44 -20.44 0.45
N GLN A 495 -1.30 -21.28 -0.59
CA GLN A 495 -0.40 -22.43 -0.50
C GLN A 495 1.04 -21.99 -0.31
N HIS A 496 1.40 -20.89 -0.96
CA HIS A 496 2.74 -20.34 -0.83
C HIS A 496 3.02 -19.93 0.62
N TRP A 497 2.06 -19.26 1.26
CA TRP A 497 2.19 -18.90 2.66
C TRP A 497 2.35 -20.15 3.53
N ILE A 498 1.55 -21.17 3.22
CA ILE A 498 1.60 -22.44 3.95
C ILE A 498 2.97 -23.10 3.78
N ASN A 499 3.44 -23.16 2.54
CA ASN A 499 4.74 -23.80 2.26
C ASN A 499 5.90 -23.12 2.95
N LEU A 500 5.92 -21.79 2.96
CA LEU A 500 7.03 -21.09 3.58
C LEU A 500 7.12 -21.39 5.08
N GLY A 501 5.97 -21.59 5.72
CA GLY A 501 5.94 -21.88 7.15
C GLY A 501 6.33 -23.32 7.44
N LYS A 502 5.86 -24.24 6.61
CA LYS A 502 6.17 -25.66 6.76
C LYS A 502 7.67 -25.91 6.74
N HIS A 503 8.35 -25.22 5.82
CA HIS A 503 9.76 -25.46 5.55
C HIS A 503 10.66 -24.63 6.45
N ALA A 504 10.05 -23.81 7.30
CA ALA A 504 10.81 -22.91 8.15
C ALA A 504 11.09 -23.53 9.52
N ASP A 505 12.02 -22.91 10.24
CA ASP A 505 12.20 -23.21 11.66
C ASP A 505 11.01 -22.58 12.38
N GLU A 506 10.14 -23.42 12.92
CA GLU A 506 8.89 -22.95 13.52
C GLU A 506 9.09 -21.90 14.64
N SER A 507 10.14 -22.06 15.43
CA SER A 507 10.40 -21.15 16.54
C SER A 507 10.85 -19.76 16.07
N LYS A 508 11.24 -19.67 14.80
CA LYS A 508 11.77 -18.44 14.23
C LYS A 508 10.69 -17.63 13.51
N LEU A 509 9.57 -18.28 13.19
CA LEU A 509 8.49 -17.62 12.46
C LEU A 509 7.84 -16.51 13.28
N PRO A 510 7.41 -15.43 12.60
CA PRO A 510 6.59 -14.43 13.30
C PRO A 510 5.34 -15.08 13.87
N LYS A 511 4.90 -14.63 15.04
CA LYS A 511 3.60 -15.00 15.58
C LYS A 511 2.55 -14.17 14.84
N VAL A 512 1.37 -14.74 14.62
CA VAL A 512 0.33 -14.06 13.84
C VAL A 512 -0.82 -13.62 14.74
N PHE A 513 -1.31 -12.40 14.52
CA PHE A 513 -2.38 -11.84 15.36
C PHE A 513 -3.44 -11.23 14.46
N PHE A 514 -4.69 -11.19 14.93
CA PHE A 514 -5.73 -10.41 14.26
C PHE A 514 -6.20 -9.30 15.19
N VAL A 515 -6.32 -8.08 14.66
CA VAL A 515 -6.76 -6.95 15.47
C VAL A 515 -8.01 -6.30 14.89
N ASN A 516 -8.92 -5.92 15.79
CA ASN A 516 -10.12 -5.19 15.40
C ASN A 516 -10.30 -4.00 16.33
N TRP A 517 -9.92 -2.82 15.86
CA TRP A 517 -10.04 -1.64 16.70
C TRP A 517 -11.46 -1.11 16.77
N PHE A 518 -12.38 -1.74 16.03
CA PHE A 518 -13.63 -1.06 15.66
C PHE A 518 -14.90 -1.73 16.16
N ARG A 519 -14.77 -2.63 17.13
CA ARG A 519 -15.94 -3.35 17.63
C ARG A 519 -16.87 -2.37 18.37
N ARG A 520 -18.17 -2.59 18.20
CA ARG A 520 -19.18 -1.67 18.70
C ARG A 520 -20.14 -2.38 19.65
N GLY A 521 -20.64 -1.64 20.63
CA GLY A 521 -21.65 -2.18 21.53
C GLY A 521 -23.01 -2.13 20.87
N ASP A 522 -24.01 -2.74 21.50
CA ASP A 522 -25.36 -2.76 20.92
C ASP A 522 -25.90 -1.36 20.68
N ASP A 523 -25.45 -0.40 21.49
CA ASP A 523 -25.92 0.98 21.34
C ASP A 523 -25.06 1.82 20.38
N GLY A 524 -24.11 1.18 19.72
CA GLY A 524 -23.27 1.86 18.76
C GLY A 524 -22.01 2.52 19.31
N ARG A 525 -21.79 2.42 20.61
CA ARG A 525 -20.56 2.96 21.21
C ARG A 525 -19.35 2.20 20.68
N PHE A 526 -18.21 2.88 20.57
CA PHE A 526 -16.96 2.17 20.29
C PHE A 526 -16.45 1.55 21.58
N LEU A 527 -16.26 0.23 21.58
CA LEU A 527 -15.85 -0.49 22.78
C LEU A 527 -14.39 -0.22 23.14
N TRP A 528 -13.61 0.22 22.16
CA TRP A 528 -12.18 0.52 22.38
C TRP A 528 -11.83 1.88 21.81
N PRO A 529 -11.14 2.73 22.60
CA PRO A 529 -10.92 4.12 22.18
C PRO A 529 -9.94 4.27 21.02
N GLY A 530 -9.05 3.31 20.83
CA GLY A 530 -8.25 3.27 19.62
C GLY A 530 -7.17 4.33 19.55
N PHE A 531 -6.72 4.61 18.32
CA PHE A 531 -5.59 5.52 18.08
C PHE A 531 -4.36 5.19 18.92
N GLY A 532 -3.81 6.16 19.64
CA GLY A 532 -2.61 5.91 20.44
C GLY A 532 -2.80 4.79 21.46
N GLU A 533 -4.02 4.61 21.91
CA GLU A 533 -4.30 3.57 22.92
C GLU A 533 -4.11 2.18 22.35
N ASN A 534 -4.05 2.07 21.03
CA ASN A 534 -3.72 0.78 20.42
C ASN A 534 -2.35 0.26 20.85
N SER A 535 -1.51 1.16 21.35
CA SER A 535 -0.23 0.78 21.93
C SER A 535 -0.37 -0.21 23.08
N ARG A 536 -1.52 -0.17 23.78
CA ARG A 536 -1.78 -1.12 24.85
C ARG A 536 -2.00 -2.54 24.32
N VAL A 537 -2.66 -2.65 23.17
CA VAL A 537 -2.80 -3.94 22.51
C VAL A 537 -1.45 -4.42 21.99
N LEU A 538 -0.67 -3.51 21.43
CA LEU A 538 0.66 -3.85 20.93
C LEU A 538 1.58 -4.33 22.06
N LYS A 539 1.41 -3.77 23.26
CA LYS A 539 2.17 -4.23 24.42
C LYS A 539 1.80 -5.68 24.77
N TRP A 540 0.52 -6.02 24.69
CA TRP A 540 0.13 -7.42 24.91
C TRP A 540 0.76 -8.32 23.85
N ILE A 541 0.78 -7.84 22.60
CA ILE A 541 1.37 -8.62 21.52
C ILE A 541 2.86 -8.88 21.77
N VAL A 542 3.61 -7.83 22.13
CA VAL A 542 5.02 -7.98 22.50
C VAL A 542 5.19 -8.94 23.68
N ASP A 543 4.36 -8.76 24.70
CA ASP A 543 4.46 -9.66 25.85
C ASP A 543 4.18 -11.11 25.46
N ARG A 544 3.21 -11.34 24.57
CA ARG A 544 2.94 -12.71 24.11
C ARG A 544 4.13 -13.31 23.39
N ILE A 545 4.78 -12.50 22.55
CA ILE A 545 5.96 -12.94 21.82
C ILE A 545 7.06 -13.36 22.80
N GLU A 546 7.14 -12.66 23.94
CA GLU A 546 8.12 -12.96 24.98
C GLU A 546 7.62 -13.93 26.06
N HIS A 547 6.39 -14.45 25.88
CA HIS A 547 5.77 -15.36 26.84
C HIS A 547 5.55 -14.74 28.23
N LYS A 548 5.39 -13.42 28.25
CA LYS A 548 5.23 -12.67 29.49
C LYS A 548 3.77 -12.27 29.76
N ALA A 549 2.88 -12.67 28.86
CA ALA A 549 1.46 -12.39 29.05
C ALA A 549 0.63 -13.63 28.78
N GLY A 550 -0.52 -13.70 29.43
CA GLY A 550 -1.42 -14.82 29.25
C GLY A 550 -2.64 -14.43 28.44
N GLY A 551 -3.62 -15.33 28.40
CA GLY A 551 -4.85 -15.05 27.70
C GLY A 551 -5.70 -16.30 27.74
N ALA A 552 -6.92 -16.18 27.26
CA ALA A 552 -7.85 -17.32 27.25
C ALA A 552 -7.67 -18.12 25.98
N THR A 553 -7.78 -19.44 26.10
CA THR A 553 -7.83 -20.29 24.93
C THR A 553 -9.27 -20.37 24.47
N THR A 554 -9.58 -19.72 23.35
CA THR A 554 -10.93 -19.69 22.81
C THR A 554 -10.99 -20.50 21.52
N PRO A 555 -12.21 -20.74 21.00
CA PRO A 555 -12.25 -21.48 19.73
C PRO A 555 -11.56 -20.78 18.55
N ILE A 556 -11.33 -19.47 18.65
CA ILE A 556 -10.75 -18.74 17.52
C ILE A 556 -9.27 -18.42 17.70
N GLY A 557 -8.70 -18.78 18.85
CA GLY A 557 -7.31 -18.48 19.15
C GLY A 557 -7.16 -17.96 20.57
N THR A 558 -5.99 -17.40 20.88
CA THR A 558 -5.74 -16.87 22.21
C THR A 558 -6.20 -15.42 22.27
N VAL A 559 -7.06 -15.11 23.24
CA VAL A 559 -7.65 -13.76 23.35
C VAL A 559 -7.48 -13.32 24.79
N PRO A 560 -6.89 -12.13 25.02
CA PRO A 560 -6.67 -11.72 26.41
C PRO A 560 -7.98 -11.43 27.13
N ALA A 561 -7.96 -11.60 28.44
CA ALA A 561 -9.03 -11.08 29.28
C ALA A 561 -8.69 -9.63 29.58
N VAL A 562 -9.66 -8.87 30.09
CA VAL A 562 -9.41 -7.48 30.43
C VAL A 562 -8.17 -7.34 31.34
N GLU A 563 -8.02 -8.24 32.30
CA GLU A 563 -6.91 -8.14 33.25
C GLU A 563 -5.55 -8.47 32.63
N ASP A 564 -5.54 -9.03 31.42
CA ASP A 564 -4.29 -9.28 30.70
C ASP A 564 -3.78 -8.03 29.98
N LEU A 565 -4.63 -7.00 29.88
CA LEU A 565 -4.22 -5.75 29.22
C LEU A 565 -3.79 -4.69 30.21
N ASP A 566 -2.84 -3.85 29.80
CA ASP A 566 -2.44 -2.69 30.58
C ASP A 566 -3.43 -1.56 30.30
N LEU A 567 -4.34 -1.32 31.25
CA LEU A 567 -5.30 -0.23 31.12
C LEU A 567 -5.00 0.88 32.11
N ASP A 568 -3.80 0.85 32.70
CA ASP A 568 -3.43 1.86 33.69
C ASP A 568 -3.35 3.24 33.05
N GLY A 569 -4.06 4.20 33.63
CA GLY A 569 -4.03 5.56 33.12
C GLY A 569 -5.07 5.78 32.05
N LEU A 570 -5.81 4.74 31.71
CA LEU A 570 -6.84 4.86 30.67
C LEU A 570 -8.23 4.90 31.27
N ASP A 571 -8.91 6.02 31.08
CA ASP A 571 -10.28 6.16 31.55
C ASP A 571 -11.22 5.45 30.58
N VAL A 572 -11.38 4.14 30.77
CA VAL A 572 -12.29 3.34 29.98
C VAL A 572 -13.05 2.40 30.91
N ASP A 573 -14.30 2.11 30.57
CA ASP A 573 -15.12 1.18 31.32
C ASP A 573 -14.61 -0.25 31.08
N ALA A 574 -14.23 -0.96 32.15
CA ALA A 574 -13.73 -2.32 32.00
C ALA A 574 -14.72 -3.24 31.31
N ALA A 575 -16.01 -3.02 31.54
CA ALA A 575 -17.06 -3.81 30.89
C ALA A 575 -17.04 -3.63 29.37
N ASP A 576 -16.69 -2.43 28.91
CA ASP A 576 -16.59 -2.18 27.47
C ASP A 576 -15.42 -2.94 26.88
N VAL A 577 -14.29 -2.94 27.59
CA VAL A 577 -13.12 -3.69 27.13
C VAL A 577 -13.39 -5.20 27.13
N ALA A 578 -14.12 -5.67 28.15
CA ALA A 578 -14.51 -7.07 28.19
C ALA A 578 -15.36 -7.42 26.98
N ALA A 579 -16.29 -6.54 26.64
CA ALA A 579 -17.16 -6.75 25.48
C ALA A 579 -16.34 -6.74 24.20
N ALA A 580 -15.34 -5.88 24.16
CA ALA A 580 -14.46 -5.80 22.99
C ALA A 580 -13.72 -7.12 22.79
N LEU A 581 -13.45 -7.82 23.89
CA LEU A 581 -12.66 -9.05 23.84
C LEU A 581 -13.50 -10.33 23.85
N ALA A 582 -14.82 -10.19 23.91
CA ALA A 582 -15.67 -11.38 24.04
C ALA A 582 -15.61 -12.29 22.81
N VAL A 583 -15.63 -13.60 23.03
CA VAL A 583 -15.78 -14.55 21.94
C VAL A 583 -17.08 -15.32 22.15
N ASP A 584 -18.08 -14.98 21.36
CA ASP A 584 -19.42 -15.54 21.52
C ASP A 584 -19.62 -16.66 20.50
N ALA A 585 -19.85 -17.87 20.99
CA ALA A 585 -19.96 -19.04 20.11
C ALA A 585 -21.09 -18.91 19.07
N ASP A 586 -22.23 -18.36 19.46
CA ASP A 586 -23.33 -18.17 18.51
C ASP A 586 -22.93 -17.20 17.39
N GLU A 587 -22.22 -16.15 17.75
CA GLU A 587 -21.77 -15.20 16.74
C GLU A 587 -20.81 -15.87 15.78
N TRP A 588 -19.91 -16.68 16.29
CA TRP A 588 -18.94 -17.36 15.43
C TRP A 588 -19.57 -18.48 14.61
N ARG A 589 -20.63 -19.09 15.11
CA ARG A 589 -21.34 -20.09 14.30
C ARG A 589 -22.00 -19.42 13.09
N GLN A 590 -22.45 -18.18 13.25
CA GLN A 590 -23.02 -17.42 12.14
C GLN A 590 -21.95 -16.98 11.15
N GLU A 591 -20.72 -16.86 11.63
CA GLU A 591 -19.60 -16.44 10.81
C GLU A 591 -19.17 -17.58 9.88
N LEU A 592 -19.38 -18.81 10.31
CA LEU A 592 -18.90 -19.97 9.55
C LEU A 592 -19.40 -20.03 8.10
N PRO A 593 -20.73 -19.89 7.87
CA PRO A 593 -21.14 -19.98 6.46
C PRO A 593 -20.62 -18.83 5.60
N LEU A 594 -20.37 -17.67 6.19
CA LEU A 594 -19.73 -16.59 5.44
C LEU A 594 -18.33 -17.00 5.01
N ILE A 595 -17.57 -17.57 5.94
CA ILE A 595 -16.23 -18.05 5.62
C ILE A 595 -16.28 -19.17 4.59
N GLU A 596 -17.20 -20.11 4.76
CA GLU A 596 -17.27 -21.23 3.82
C GLU A 596 -17.59 -20.78 2.40
N GLU A 597 -18.47 -19.80 2.25
CA GLU A 597 -18.81 -19.32 0.93
C GLU A 597 -17.62 -18.59 0.28
N TRP A 598 -16.80 -17.92 1.10
CA TRP A 598 -15.55 -17.36 0.61
C TRP A 598 -14.56 -18.45 0.16
N LEU A 599 -14.41 -19.49 0.98
CA LEU A 599 -13.48 -20.56 0.65
C LEU A 599 -13.89 -21.29 -0.63
N GLN A 600 -15.21 -21.39 -0.85
CA GLN A 600 -15.71 -21.96 -2.11
C GLN A 600 -15.38 -21.05 -3.28
N PHE A 601 -15.49 -19.74 -3.08
CA PHE A 601 -15.16 -18.78 -4.14
C PHE A 601 -13.68 -18.85 -4.52
N VAL A 602 -12.81 -19.15 -3.55
CA VAL A 602 -11.39 -19.33 -3.82
C VAL A 602 -11.16 -20.43 -4.87
N GLY A 603 -12.03 -21.43 -4.88
CA GLY A 603 -12.07 -22.36 -6.00
C GLY A 603 -11.16 -23.56 -5.88
N GLU A 604 -10.84 -24.15 -7.03
CA GLU A 604 -10.13 -25.42 -7.04
C GLU A 604 -8.74 -25.38 -6.41
N LYS A 605 -8.11 -24.19 -6.36
CA LYS A 605 -6.76 -24.10 -5.80
C LYS A 605 -6.72 -23.81 -4.30
N LEU A 606 -7.88 -23.78 -3.66
CA LEU A 606 -7.92 -23.66 -2.20
C LEU A 606 -7.08 -24.75 -1.54
N PRO A 607 -6.07 -24.36 -0.73
CA PRO A 607 -5.22 -25.37 -0.08
C PRO A 607 -5.98 -26.22 0.94
N THR A 608 -5.66 -27.51 0.96
CA THR A 608 -6.19 -28.36 2.02
C THR A 608 -5.91 -27.80 3.41
N GLY A 609 -4.74 -27.18 3.59
CA GLY A 609 -4.35 -26.64 4.87
C GLY A 609 -5.27 -25.50 5.32
N VAL A 610 -5.85 -24.77 4.38
CA VAL A 610 -6.79 -23.73 4.75
C VAL A 610 -8.14 -24.35 5.14
N LYS A 611 -8.58 -25.35 4.37
CA LYS A 611 -9.81 -26.07 4.72
C LYS A 611 -9.67 -26.77 6.07
N ASP A 612 -8.49 -27.31 6.36
CA ASP A 612 -8.22 -27.92 7.66
C ASP A 612 -8.50 -26.96 8.80
N GLU A 613 -8.06 -25.72 8.64
CA GLU A 613 -8.26 -24.73 9.67
C GLU A 613 -9.72 -24.33 9.82
N PHE A 614 -10.47 -24.30 8.71
CA PHE A 614 -11.91 -24.07 8.79
C PHE A 614 -12.57 -25.20 9.59
N ASP A 615 -12.24 -26.44 9.24
CA ASP A 615 -12.84 -27.59 9.92
C ASP A 615 -12.52 -27.57 11.42
N ALA A 616 -11.28 -27.22 11.77
CA ALA A 616 -10.85 -27.20 13.16
C ALA A 616 -11.60 -26.13 13.95
N LEU A 617 -11.78 -24.95 13.35
CA LEU A 617 -12.56 -23.89 13.97
C LEU A 617 -14.00 -24.37 14.21
N LYS A 618 -14.59 -25.00 13.20
CA LYS A 618 -15.97 -25.48 13.34
C LYS A 618 -16.08 -26.50 14.47
N GLU A 619 -15.12 -27.43 14.55
CA GLU A 619 -15.12 -28.43 15.62
C GLU A 619 -14.99 -27.79 17.00
N ARG A 620 -14.11 -26.80 17.13
CA ARG A 620 -13.88 -26.14 18.42
C ARG A 620 -15.11 -25.35 18.88
N LEU A 621 -15.85 -24.81 17.92
CA LEU A 621 -17.07 -24.08 18.24
C LEU A 621 -18.15 -25.01 18.76
N GLY A 622 -18.25 -26.20 18.14
CA GLY A 622 -19.28 -27.15 18.48
C GLY A 622 -20.67 -26.61 18.26
C1 GOL B . -7.05 -7.13 -11.03
O1 GOL B . -6.86 -8.44 -11.48
C2 GOL B . -8.02 -7.11 -9.85
O2 GOL B . -7.45 -7.81 -8.74
C3 GOL B . -8.38 -5.67 -9.49
O3 GOL B . -7.22 -4.91 -9.14
ZN ZN C . -2.11 0.40 0.76
ZN ZN D . -5.68 2.71 0.86
P PO4 E . -2.86 3.14 -0.35
O1 PO4 E . -2.52 3.76 -1.66
O2 PO4 E . -2.86 1.63 -0.53
O3 PO4 E . -1.83 3.52 0.67
O4 PO4 E . -4.23 3.57 0.13
P PO4 F . -4.66 0.29 2.59
O1 PO4 F . -3.18 0.50 2.37
O2 PO4 F . -5.46 0.92 1.49
O3 PO4 F . -4.98 -1.19 2.59
O4 PO4 F . -5.09 0.82 3.94
P PO4 G . -6.54 4.12 3.65
O1 PO4 G . -5.86 5.49 3.61
O2 PO4 G . -5.66 3.18 4.44
O3 PO4 G . -7.88 4.26 4.31
O4 PO4 G . -6.70 3.60 2.25
P PO4 H . -7.67 -2.56 -0.02
O1 PO4 H . -6.53 -1.92 0.74
O2 PO4 H . -8.98 -2.15 0.64
O3 PO4 H . -7.66 -2.04 -1.43
O4 PO4 H . -7.44 -4.06 -0.02
P PO4 I . -7.34 2.36 -1.92
O1 PO4 I . -7.62 3.76 -2.43
O2 PO4 I . -7.03 2.44 -0.45
O3 PO4 I . -6.15 1.74 -2.65
O4 PO4 I . -8.54 1.48 -2.16
P PO4 J . -3.62 3.38 -4.96
O1 PO4 J . -2.31 3.66 -4.27
O2 PO4 J . -4.75 3.63 -3.98
O3 PO4 J . -3.79 4.33 -6.12
O4 PO4 J . -3.70 1.93 -5.36
#